data_3VGF
#
_entry.id   3VGF
#
_cell.length_a   78.441
_cell.length_b   78.441
_cell.length_c   282.277
_cell.angle_alpha   90.000
_cell.angle_beta   90.000
_cell.angle_gamma   120.000
#
_symmetry.space_group_name_H-M   'P 32 2 1'
#
loop_
_entity.id
_entity.type
_entity.pdbx_description
1 polymer 'Malto-oligosyltrehalose trehalohydrolase'
2 branched alpha-D-glucopyranose-(1-4)-alpha-D-glucopyranose-(1-4)-alpha-D-glucopyranose
3 non-polymer 'CITRATE ANION'
4 non-polymer GLYCEROL
5 water water
#
_entity_poly.entity_id   1
_entity_poly.type   'polypeptide(L)'
_entity_poly.pdbx_seq_one_letter_code
;TFAYKIDGNEVIFTLWAPYQKSVKLKVLEKGLYEMERDEKGYFTITLNNVKVRDRYKYVLDDASEIPDPASRYQPEGVHG
PSQIIQESKEFNNETFLKKEDLIIYEIHVGTFTPEGTFEGVIRKLDYLKDLGITAIEIMPIAQFPGKRDWGYDGVYLYAV
QNSYGGPEGFRKLVDEAHKKGLGVILDVVYNHVGPEGNYMVKLGPYFSQKYKTPWGLTFNFDDAESDEVRKFILENVEYW
IKEYNVDGFRLSAVHAIIDTSPKHILEEIADVVHKYNRIVIAESDLNDPRVVNPKEKCGYNIDAQWVDDFHHSIHAYLTG
ERQGYYTDFGNLDDIVKSYKDVFVYDGKYSNFRRKTHGEPVGELDGCNFVVYIQNHDQVGNRGKGERIIKLVDRESYKIA
AALYLLSPYIPMIFMGEEYGEENPFYFFSDFSDSKLIQGVREGRKKENGQDTDPQDESTFNASKLSWKIDEEIFSFYKIL
IKMRKELSIACDRRVNVVNGENWLIIKGREYFSLYVFSKSSIEVKYSGTLLLSSNNSFPQHIEEGKYEFDKGFALYKL
;
_entity_poly.pdbx_strand_id   A
#
# COMPACT_ATOMS: atom_id res chain seq x y z
N ALA A 3 -21.62 6.95 11.78
CA ALA A 3 -22.63 5.94 11.34
C ALA A 3 -23.63 5.64 12.44
N TYR A 4 -23.35 4.55 13.17
CA TYR A 4 -24.19 4.05 14.25
C TYR A 4 -23.34 3.58 15.45
N LYS A 5 -23.93 3.60 16.63
CA LYS A 5 -23.29 3.16 17.86
C LYS A 5 -24.29 2.21 18.51
N ILE A 6 -23.90 0.96 18.75
CA ILE A 6 -24.75 0.03 19.51
C ILE A 6 -24.55 0.31 21.01
N ASP A 7 -25.64 0.39 21.76
CA ASP A 7 -25.61 0.84 23.15
C ASP A 7 -26.46 -0.12 24.00
N GLY A 8 -25.88 -1.28 24.30
CA GLY A 8 -26.63 -2.39 24.89
C GLY A 8 -27.65 -2.88 23.87
N ASN A 9 -28.91 -2.51 24.09
CA ASN A 9 -30.03 -2.93 23.24
C ASN A 9 -30.70 -1.78 22.44
N GLU A 10 -30.09 -0.59 22.50
CA GLU A 10 -30.47 0.48 21.57
C GLU A 10 -29.31 0.89 20.65
N VAL A 11 -29.64 1.64 19.59
CA VAL A 11 -28.65 2.05 18.59
C VAL A 11 -28.85 3.48 18.08
N ILE A 12 -27.78 4.26 18.18
CA ILE A 12 -27.74 5.69 17.88
C ILE A 12 -27.16 5.92 16.48
N PHE A 13 -27.90 6.62 15.63
CA PHE A 13 -27.44 6.92 14.27
C PHE A 13 -27.05 8.38 14.15
N THR A 14 -25.91 8.64 13.52
CA THR A 14 -25.40 10.00 13.37
C THR A 14 -24.98 10.25 11.94
N LEU A 15 -25.47 11.32 11.34
CA LEU A 15 -25.08 11.74 10.01
C LEU A 15 -24.63 13.17 10.13
N TRP A 16 -23.43 13.48 9.64
CA TRP A 16 -23.02 14.87 9.53
C TRP A 16 -23.50 15.41 8.21
N ALA A 17 -24.44 16.35 8.26
CA ALA A 17 -25.02 16.88 7.02
C ALA A 17 -25.42 18.36 7.11
N PRO A 18 -24.43 19.26 7.24
CA PRO A 18 -24.74 20.69 7.38
C PRO A 18 -25.48 21.25 6.16
N TYR A 19 -25.27 20.70 4.97
CA TYR A 19 -25.99 21.22 3.79
C TYR A 19 -27.48 20.95 3.83
N GLN A 20 -27.89 20.04 4.71
CA GLN A 20 -29.24 19.52 4.65
C GLN A 20 -30.10 20.15 5.74
N LYS A 21 -31.29 20.59 5.34
CA LYS A 21 -32.24 21.22 6.26
C LYS A 21 -32.86 20.18 7.19
N SER A 22 -33.14 19.01 6.61
CA SER A 22 -33.82 17.93 7.29
C SER A 22 -33.51 16.56 6.67
N VAL A 23 -33.30 15.57 7.52
CA VAL A 23 -32.94 14.22 7.09
C VAL A 23 -33.73 13.18 7.86
N LYS A 24 -34.20 12.15 7.16
CA LYS A 24 -34.89 11.03 7.76
C LYS A 24 -34.03 9.75 7.70
N LEU A 25 -34.06 8.98 8.79
CA LEU A 25 -33.55 7.62 8.79
C LEU A 25 -34.62 6.69 8.19
N LYS A 26 -34.29 6.07 7.07
CA LYS A 26 -35.16 5.03 6.51
C LYS A 26 -34.62 3.66 6.86
N VAL A 27 -35.32 2.94 7.73
CA VAL A 27 -34.94 1.54 7.98
C VAL A 27 -35.84 0.66 7.12
N LEU A 28 -35.21 -0.06 6.18
CA LEU A 28 -35.92 -0.87 5.21
C LEU A 28 -36.91 -1.80 5.90
N GLU A 29 -38.17 -1.74 5.45
CA GLU A 29 -39.25 -2.61 5.95
C GLU A 29 -39.50 -2.46 7.44
N LYS A 30 -39.23 -1.25 7.95
CA LYS A 30 -39.59 -0.90 9.33
C LYS A 30 -40.27 0.47 9.41
N GLY A 31 -39.51 1.54 9.29
CA GLY A 31 -40.09 2.88 9.27
C GLY A 31 -39.24 3.95 8.62
N LEU A 32 -39.76 5.17 8.67
CA LEU A 32 -39.04 6.42 8.42
C LEU A 32 -39.01 7.17 9.74
N TYR A 33 -37.86 7.72 10.10
CA TYR A 33 -37.76 8.42 11.39
C TYR A 33 -37.05 9.74 11.21
N GLU A 34 -37.70 10.81 11.66
CA GLU A 34 -37.12 12.15 11.67
C GLU A 34 -35.92 12.17 12.60
N MET A 35 -34.89 12.89 12.19
CA MET A 35 -33.70 12.99 13.00
C MET A 35 -33.59 14.40 13.57
N GLU A 36 -33.04 14.48 14.77
CA GLU A 36 -32.77 15.75 15.43
C GLU A 36 -31.47 16.38 14.94
N ARG A 37 -31.49 17.71 14.78
CA ARG A 37 -30.37 18.47 14.25
C ARG A 37 -29.68 19.30 15.33
N ASP A 38 -28.37 19.20 15.46
CA ASP A 38 -27.63 20.18 16.25
C ASP A 38 -27.10 21.33 15.37
N GLU A 39 -26.50 22.35 15.99
CA GLU A 39 -26.16 23.59 15.28
C GLU A 39 -24.96 23.42 14.35
N LYS A 40 -24.06 22.48 14.67
CA LYS A 40 -22.98 22.10 13.77
C LYS A 40 -23.45 21.22 12.60
N GLY A 41 -24.73 20.85 12.60
CA GLY A 41 -25.33 20.11 11.48
C GLY A 41 -25.27 18.60 11.54
N TYR A 42 -24.90 18.05 12.71
CA TYR A 42 -25.07 16.62 13.00
C TYR A 42 -26.56 16.29 13.17
N PHE A 43 -27.01 15.13 12.66
CA PHE A 43 -28.38 14.66 12.81
C PHE A 43 -28.31 13.41 13.63
N THR A 44 -29.21 13.26 14.60
CA THR A 44 -29.18 12.12 15.49
C THR A 44 -30.58 11.52 15.69
N ILE A 45 -30.62 10.22 15.92
CA ILE A 45 -31.82 9.55 16.43
C ILE A 45 -31.37 8.26 17.12
N THR A 46 -32.00 7.95 18.25
CA THR A 46 -31.72 6.70 18.97
C THR A 46 -32.90 5.74 18.87
N LEU A 47 -32.64 4.53 18.38
CA LEU A 47 -33.68 3.55 18.12
C LEU A 47 -33.49 2.26 18.90
N ASN A 48 -34.63 1.62 19.15
CA ASN A 48 -34.80 0.46 20.03
C ASN A 48 -35.11 -0.81 19.25
N ASN A 49 -35.59 -0.64 18.02
CA ASN A 49 -36.10 -1.75 17.21
C ASN A 49 -35.13 -2.30 16.16
N VAL A 50 -33.91 -1.74 16.11
CA VAL A 50 -32.89 -2.12 15.13
C VAL A 50 -32.06 -3.33 15.62
N LYS A 51 -31.78 -4.27 14.72
CA LYS A 51 -30.94 -5.42 15.02
C LYS A 51 -29.86 -5.61 13.93
N VAL A 52 -28.84 -6.42 14.23
CA VAL A 52 -27.87 -6.84 13.23
C VAL A 52 -28.58 -7.38 11.99
N ARG A 53 -27.98 -7.16 10.82
CA ARG A 53 -28.61 -7.47 9.52
C ARG A 53 -29.64 -6.44 9.01
N ASP A 54 -30.14 -5.56 9.88
CA ASP A 54 -31.04 -4.50 9.43
C ASP A 54 -30.34 -3.58 8.41
N ARG A 55 -31.12 -3.19 7.40
CA ARG A 55 -30.61 -2.33 6.34
C ARG A 55 -31.25 -0.95 6.43
N TYR A 56 -30.50 0.06 6.01
CA TYR A 56 -30.99 1.43 6.13
C TYR A 56 -30.45 2.36 5.05
N LYS A 57 -31.09 3.50 4.93
CA LYS A 57 -30.62 4.63 4.13
C LYS A 57 -31.04 5.93 4.82
N TYR A 58 -30.51 7.04 4.33
CA TYR A 58 -30.94 8.35 4.76
C TYR A 58 -31.62 9.02 3.59
N VAL A 59 -32.76 9.67 3.85
CA VAL A 59 -33.46 10.38 2.80
C VAL A 59 -33.30 11.89 3.05
N LEU A 60 -32.98 12.62 2.00
CA LEU A 60 -32.53 14.01 2.16
C LEU A 60 -33.63 15.05 1.95
N ASP A 61 -33.23 16.33 2.01
CA ASP A 61 -34.12 17.49 1.80
C ASP A 61 -34.95 17.33 0.58
N ASP A 62 -34.29 16.90 -0.50
CA ASP A 62 -34.92 16.80 -1.81
C ASP A 62 -35.53 15.42 -1.98
N ALA A 63 -35.78 14.77 -0.84
CA ALA A 63 -36.33 13.40 -0.76
C ALA A 63 -35.46 12.26 -1.32
N SER A 64 -34.35 12.58 -2.00
CA SER A 64 -33.40 11.55 -2.47
C SER A 64 -32.86 10.68 -1.33
N GLU A 65 -32.51 9.44 -1.66
CA GLU A 65 -32.08 8.43 -0.69
C GLU A 65 -30.61 8.03 -0.93
N ILE A 66 -29.85 7.91 0.16
CA ILE A 66 -28.41 7.66 0.07
C ILE A 66 -27.93 6.67 1.11
N PRO A 67 -26.87 5.91 0.77
CA PRO A 67 -26.28 5.05 1.77
C PRO A 67 -25.56 5.91 2.83
N ASP A 68 -25.33 5.34 4.02
CA ASP A 68 -24.54 5.95 5.09
C ASP A 68 -23.05 6.13 4.66
N PRO A 69 -22.60 7.38 4.57
CA PRO A 69 -21.16 7.58 4.22
C PRO A 69 -20.22 6.85 5.17
N ALA A 70 -20.64 6.67 6.42
CA ALA A 70 -19.83 5.88 7.35
C ALA A 70 -20.33 4.43 7.46
N SER A 71 -21.02 3.95 6.42
CA SER A 71 -21.48 2.55 6.39
C SER A 71 -20.41 1.54 6.74
N ARG A 72 -20.78 0.55 7.58
CA ARG A 72 -19.87 -0.57 7.87
C ARG A 72 -20.02 -1.73 6.89
N TYR A 73 -21.04 -1.67 6.04
CA TYR A 73 -21.29 -2.77 5.08
C TYR A 73 -22.29 -2.35 4.02
N GLN A 74 -21.91 -2.58 2.77
CA GLN A 74 -22.74 -2.26 1.62
C GLN A 74 -23.06 -3.54 0.86
N PRO A 75 -24.04 -4.34 1.36
CA PRO A 75 -24.26 -5.68 0.78
C PRO A 75 -24.61 -5.63 -0.70
N GLU A 76 -25.18 -4.52 -1.18
CA GLU A 76 -25.56 -4.48 -2.58
C GLU A 76 -24.74 -3.45 -3.35
N GLY A 77 -23.51 -3.18 -2.90
CA GLY A 77 -22.64 -2.24 -3.59
C GLY A 77 -22.80 -0.77 -3.19
N VAL A 78 -22.27 0.11 -4.03
CA VAL A 78 -22.10 1.52 -3.70
C VAL A 78 -23.38 2.33 -3.79
N HIS A 79 -24.44 1.78 -4.38
CA HIS A 79 -25.72 2.50 -4.45
C HIS A 79 -26.81 1.79 -3.61
N GLY A 80 -26.49 0.62 -3.08
CA GLY A 80 -27.41 -0.15 -2.24
C GLY A 80 -27.48 0.37 -0.82
N PRO A 81 -28.33 -0.24 0.02
CA PRO A 81 -28.47 0.22 1.39
C PRO A 81 -27.26 -0.15 2.24
N SER A 82 -27.12 0.50 3.38
CA SER A 82 -26.13 0.13 4.39
C SER A 82 -26.73 -0.94 5.32
N GLN A 83 -25.85 -1.71 5.96
CA GLN A 83 -26.28 -2.76 6.87
C GLN A 83 -25.58 -2.68 8.22
N ILE A 84 -26.36 -2.93 9.27
CA ILE A 84 -25.87 -3.00 10.64
C ILE A 84 -25.08 -4.29 10.83
N ILE A 85 -23.88 -4.23 11.39
CA ILE A 85 -23.10 -5.46 11.51
C ILE A 85 -22.73 -5.93 12.91
N GLN A 86 -22.35 -7.21 12.93
CA GLN A 86 -21.93 -8.01 14.11
C GLN A 86 -21.32 -7.26 15.30
N GLU A 87 -20.22 -6.53 15.08
CA GLU A 87 -19.76 -5.54 16.08
C GLU A 87 -18.78 -6.02 17.20
N SER A 88 -18.27 -7.24 17.12
CA SER A 88 -17.18 -7.64 18.04
C SER A 88 -16.03 -6.63 17.99
N LYS A 89 -16.04 -5.73 18.98
CA LYS A 89 -15.04 -4.64 19.09
C LYS A 89 -13.72 -5.12 19.73
N GLU A 90 -13.29 -6.35 19.37
CA GLU A 90 -12.20 -7.08 20.04
C GLU A 90 -10.82 -6.86 19.43
N PHE A 91 -9.88 -6.40 20.25
CA PHE A 91 -8.57 -6.04 19.71
C PHE A 91 -7.44 -6.17 20.72
N ASN A 92 -6.26 -6.51 20.20
CA ASN A 92 -5.05 -6.59 20.99
C ASN A 92 -4.54 -5.20 21.27
N ASN A 93 -3.91 -4.99 22.41
CA ASN A 93 -3.44 -3.66 22.70
C ASN A 93 -2.16 -3.28 21.95
N GLU A 94 -1.53 -4.29 21.34
CA GLU A 94 -0.27 -4.17 20.60
C GLU A 94 -0.25 -5.02 19.33
N THR A 95 0.38 -4.54 18.26
CA THR A 95 0.79 -5.46 17.22
C THR A 95 1.97 -6.27 17.74
N PHE A 96 2.03 -7.56 17.42
CA PHE A 96 3.27 -8.31 17.68
C PHE A 96 4.36 -7.98 16.64
N LEU A 97 4.01 -7.28 15.56
CA LEU A 97 4.98 -6.90 14.54
C LEU A 97 6.03 -6.01 15.11
N LYS A 98 7.29 -6.32 14.82
CA LYS A 98 8.40 -5.43 15.10
C LYS A 98 8.88 -4.90 13.78
N LYS A 99 8.92 -3.57 13.70
CA LYS A 99 9.32 -2.84 12.49
C LYS A 99 10.58 -3.41 11.93
N GLU A 100 11.57 -3.67 12.78
CA GLU A 100 12.87 -4.16 12.31
C GLU A 100 12.86 -5.53 11.67
N ASP A 101 11.84 -6.35 11.97
CA ASP A 101 11.73 -7.70 11.38
C ASP A 101 10.77 -7.66 10.17
N LEU A 102 10.32 -6.49 9.78
CA LEU A 102 9.27 -6.40 8.77
C LEU A 102 9.76 -6.85 7.38
N ILE A 103 9.02 -7.79 6.76
CA ILE A 103 9.21 -8.17 5.35
C ILE A 103 7.79 -8.23 4.82
N ILE A 104 7.48 -7.36 3.87
CA ILE A 104 6.06 -7.15 3.56
C ILE A 104 5.73 -7.82 2.25
N TYR A 105 4.47 -8.19 2.09
CA TYR A 105 4.06 -8.91 0.93
C TYR A 105 2.75 -8.27 0.48
N GLU A 106 2.79 -7.63 -0.69
CA GLU A 106 1.64 -6.85 -1.14
C GLU A 106 0.66 -7.77 -1.87
N ILE A 107 -0.60 -7.73 -1.47
CA ILE A 107 -1.66 -8.58 -2.03
C ILE A 107 -2.85 -7.76 -2.55
N HIS A 108 -3.23 -8.01 -3.81
CA HIS A 108 -4.52 -7.60 -4.31
C HIS A 108 -5.51 -8.77 -4.21
N VAL A 109 -6.55 -8.60 -3.39
CA VAL A 109 -7.40 -9.73 -3.02
C VAL A 109 -8.13 -10.38 -4.21
N GLY A 110 -8.73 -9.55 -5.06
CA GLY A 110 -9.47 -10.03 -6.22
C GLY A 110 -8.65 -10.92 -7.14
N THR A 111 -7.35 -10.63 -7.32
CA THR A 111 -6.52 -11.37 -8.27
C THR A 111 -5.54 -12.38 -7.66
N PHE A 112 -5.29 -12.29 -6.35
CA PHE A 112 -4.28 -13.12 -5.66
C PHE A 112 -4.50 -14.64 -5.83
N THR A 113 -5.74 -15.02 -6.10
CA THR A 113 -6.20 -16.36 -5.87
C THR A 113 -7.37 -16.58 -6.83
N PRO A 114 -7.55 -17.81 -7.37
CA PRO A 114 -8.76 -18.07 -8.14
C PRO A 114 -10.03 -17.63 -7.42
N GLU A 115 -10.12 -17.82 -6.10
CA GLU A 115 -11.31 -17.39 -5.36
C GLU A 115 -11.52 -15.89 -5.47
N GLY A 116 -10.45 -15.12 -5.38
CA GLY A 116 -10.54 -13.65 -5.39
C GLY A 116 -11.14 -13.03 -4.13
N THR A 117 -11.00 -13.74 -3.00
CA THR A 117 -11.63 -13.34 -1.78
C THR A 117 -10.66 -13.49 -0.61
N PHE A 118 -11.09 -13.00 0.55
CA PHE A 118 -10.33 -13.17 1.78
C PHE A 118 -10.06 -14.63 2.10
N GLU A 119 -11.07 -15.47 1.94
CA GLU A 119 -10.88 -16.90 2.13
C GLU A 119 -9.68 -17.41 1.29
N GLY A 120 -9.56 -16.90 0.06
CA GLY A 120 -8.50 -17.27 -0.83
C GLY A 120 -7.18 -16.93 -0.20
N VAL A 121 -7.08 -15.77 0.46
CA VAL A 121 -5.78 -15.43 1.06
C VAL A 121 -5.46 -16.27 2.31
N ILE A 122 -6.49 -16.66 3.07
CA ILE A 122 -6.34 -17.54 4.20
C ILE A 122 -5.73 -18.87 3.75
N ARG A 123 -6.26 -19.38 2.64
CA ARG A 123 -5.71 -20.60 2.04
C ARG A 123 -4.20 -20.48 1.77
N LYS A 124 -3.69 -19.26 1.55
CA LYS A 124 -2.24 -19.09 1.25
C LYS A 124 -1.34 -18.71 2.45
N LEU A 125 -1.91 -18.65 3.65
CA LEU A 125 -1.17 -18.15 4.79
C LEU A 125 0.03 -19.03 5.11
N ASP A 126 -0.17 -20.36 5.01
CA ASP A 126 0.90 -21.31 5.30
C ASP A 126 2.06 -21.11 4.32
N TYR A 127 1.72 -20.91 3.04
CA TYR A 127 2.69 -20.72 2.00
C TYR A 127 3.49 -19.42 2.27
N LEU A 128 2.78 -18.35 2.57
CA LEU A 128 3.36 -17.06 2.91
C LEU A 128 4.30 -17.15 4.14
N LYS A 129 3.83 -17.82 5.19
CA LYS A 129 4.58 -18.01 6.43
C LYS A 129 5.88 -18.76 6.16
N ASP A 130 5.75 -19.85 5.42
CA ASP A 130 6.87 -20.67 5.05
C ASP A 130 7.86 -19.91 4.20
N LEU A 131 7.34 -19.07 3.29
CA LEU A 131 8.24 -18.22 2.50
C LEU A 131 9.08 -17.31 3.39
N GLY A 132 8.51 -16.87 4.51
CA GLY A 132 9.27 -16.09 5.51
C GLY A 132 8.87 -14.62 5.64
N ILE A 133 7.79 -14.26 4.97
CA ILE A 133 7.15 -12.94 5.04
C ILE A 133 6.69 -12.73 6.46
N THR A 134 6.68 -11.51 6.96
CA THR A 134 6.17 -11.34 8.33
C THR A 134 4.90 -10.52 8.38
N ALA A 135 4.60 -9.85 7.27
CA ALA A 135 3.35 -9.11 7.22
C ALA A 135 2.78 -9.08 5.80
N ILE A 136 1.46 -9.24 5.71
CA ILE A 136 0.80 -9.03 4.44
C ILE A 136 0.23 -7.62 4.34
N GLU A 137 0.36 -7.00 3.18
CA GLU A 137 -0.21 -5.69 2.96
C GLU A 137 -1.34 -5.86 2.00
N ILE A 138 -2.56 -5.53 2.46
CA ILE A 138 -3.78 -5.68 1.67
C ILE A 138 -4.14 -4.38 0.96
N MET A 139 -4.31 -4.43 -0.35
CA MET A 139 -4.69 -3.30 -1.13
C MET A 139 -6.14 -2.93 -0.77
N PRO A 140 -6.55 -1.65 -1.04
CA PRO A 140 -7.72 -1.14 -0.33
C PRO A 140 -8.99 -1.96 -0.42
N ILE A 141 -9.75 -2.03 0.68
CA ILE A 141 -10.93 -2.88 0.72
C ILE A 141 -12.20 -2.07 0.97
N ALA A 142 -12.03 -0.76 1.19
CA ALA A 142 -13.17 0.11 1.35
C ALA A 142 -14.04 -0.06 0.10
N GLN A 143 -15.36 -0.18 0.31
CA GLN A 143 -16.26 -0.59 -0.75
C GLN A 143 -16.14 0.26 -2.00
N PHE A 144 -15.93 -0.40 -3.13
CA PHE A 144 -15.80 0.27 -4.43
C PHE A 144 -16.81 -0.27 -5.44
N PRO A 145 -16.93 0.36 -6.62
CA PRO A 145 -17.99 -0.15 -7.53
C PRO A 145 -17.66 -1.50 -8.15
N GLY A 146 -18.68 -2.36 -8.25
CA GLY A 146 -18.57 -3.69 -8.83
C GLY A 146 -17.64 -4.60 -8.04
N LYS A 147 -16.94 -5.47 -8.77
CA LYS A 147 -16.07 -6.53 -8.23
C LYS A 147 -14.59 -6.38 -8.59
N ARG A 148 -14.29 -5.58 -9.61
CA ARG A 148 -12.96 -5.56 -10.21
C ARG A 148 -12.37 -4.14 -10.13
N ASP A 149 -11.48 -3.94 -9.16
CA ASP A 149 -10.87 -2.65 -8.91
C ASP A 149 -9.65 -2.90 -8.03
N TRP A 150 -8.57 -2.15 -8.31
CA TRP A 150 -7.38 -2.16 -7.46
C TRP A 150 -7.75 -1.82 -6.02
N GLY A 151 -8.76 -0.94 -5.87
CA GLY A 151 -9.25 -0.48 -4.58
C GLY A 151 -9.26 1.05 -4.38
N TYR A 152 -8.56 1.79 -5.24
CA TYR A 152 -8.34 3.23 -5.02
C TYR A 152 -9.60 3.99 -5.43
N ASP A 153 -10.56 3.28 -6.02
CA ASP A 153 -11.88 3.85 -6.26
C ASP A 153 -12.85 3.57 -5.12
N GLY A 154 -12.32 3.14 -3.99
CA GLY A 154 -13.11 3.03 -2.77
C GLY A 154 -13.87 4.29 -2.42
N VAL A 155 -15.05 4.09 -1.88
CA VAL A 155 -15.93 5.22 -1.74
C VAL A 155 -16.63 5.17 -0.37
N TYR A 156 -16.44 4.06 0.36
CA TYR A 156 -17.01 3.86 1.71
C TYR A 156 -15.94 3.40 2.67
N LEU A 157 -15.31 4.38 3.32
CA LEU A 157 -14.07 4.16 4.08
C LEU A 157 -14.17 3.13 5.22
N TYR A 158 -15.37 2.95 5.80
CA TYR A 158 -15.53 1.96 6.87
C TYR A 158 -16.19 0.64 6.41
N ALA A 159 -16.44 0.50 5.10
CA ALA A 159 -17.20 -0.67 4.60
C ALA A 159 -16.36 -1.68 3.83
N VAL A 160 -16.20 -2.89 4.38
CA VAL A 160 -15.38 -3.90 3.75
C VAL A 160 -16.06 -4.45 2.50
N GLN A 161 -15.34 -4.39 1.40
CA GLN A 161 -15.82 -4.82 0.09
C GLN A 161 -16.61 -6.11 0.14
N ASN A 162 -17.84 -6.04 -0.36
CA ASN A 162 -18.77 -7.17 -0.31
C ASN A 162 -18.29 -8.40 -1.04
N SER A 163 -17.81 -8.21 -2.26
CA SER A 163 -17.43 -9.30 -3.14
C SER A 163 -16.09 -9.96 -2.73
N TYR A 164 -15.36 -9.33 -1.81
CA TYR A 164 -14.16 -9.97 -1.22
C TYR A 164 -14.55 -10.88 -0.06
N GLY A 165 -15.80 -10.84 0.36
CA GLY A 165 -16.22 -11.57 1.54
C GLY A 165 -16.64 -10.70 2.72
N GLY A 166 -16.76 -9.39 2.51
CA GLY A 166 -17.24 -8.47 3.53
C GLY A 166 -16.53 -8.52 4.88
N PRO A 167 -17.12 -7.87 5.90
CA PRO A 167 -16.60 -7.74 7.25
C PRO A 167 -16.12 -9.05 7.88
N GLU A 168 -16.94 -10.09 7.72
CA GLU A 168 -16.63 -11.41 8.25
C GLU A 168 -15.38 -12.02 7.61
N GLY A 169 -15.26 -11.93 6.30
CA GLY A 169 -14.09 -12.45 5.62
C GLY A 169 -12.82 -11.76 6.09
N PHE A 170 -12.83 -10.43 6.16
CA PHE A 170 -11.64 -9.70 6.56
C PHE A 170 -11.24 -10.02 7.98
N ARG A 171 -12.22 -10.10 8.88
CA ARG A 171 -11.91 -10.39 10.27
C ARG A 171 -11.34 -11.78 10.39
N LYS A 172 -11.93 -12.72 9.65
CA LYS A 172 -11.38 -14.07 9.61
C LYS A 172 -9.95 -14.06 9.07
N LEU A 173 -9.68 -13.28 8.02
CA LEU A 173 -8.34 -13.20 7.48
C LEU A 173 -7.35 -12.72 8.55
N VAL A 174 -7.69 -11.61 9.26
CA VAL A 174 -6.75 -11.13 10.27
C VAL A 174 -6.56 -12.07 11.44
N ASP A 175 -7.66 -12.68 11.93
CA ASP A 175 -7.56 -13.64 13.02
C ASP A 175 -6.67 -14.80 12.61
N GLU A 176 -6.89 -15.33 11.40
CA GLU A 176 -6.10 -16.49 10.92
C GLU A 176 -4.67 -16.12 10.67
N ALA A 177 -4.46 -14.90 10.16
CA ALA A 177 -3.10 -14.45 9.93
C ALA A 177 -2.36 -14.41 11.28
N HIS A 178 -3.06 -13.97 12.31
CA HIS A 178 -2.48 -13.83 13.64
C HIS A 178 -2.11 -15.16 14.25
N LYS A 179 -2.98 -16.16 14.09
CA LYS A 179 -2.69 -17.51 14.58
C LYS A 179 -1.43 -18.08 13.95
N LYS A 180 -1.18 -17.75 12.68
CA LYS A 180 0.02 -18.19 11.97
C LYS A 180 1.21 -17.27 12.18
N GLY A 181 1.05 -16.23 12.96
CA GLY A 181 2.18 -15.33 13.25
C GLY A 181 2.47 -14.34 12.13
N LEU A 182 1.44 -13.96 11.37
CA LEU A 182 1.59 -12.92 10.34
C LEU A 182 0.76 -11.69 10.69
N GLY A 183 1.31 -10.52 10.40
CA GLY A 183 0.64 -9.27 10.63
C GLY A 183 -0.14 -8.87 9.38
N VAL A 184 -1.16 -8.04 9.55
CA VAL A 184 -1.82 -7.48 8.39
C VAL A 184 -1.83 -5.94 8.34
N ILE A 185 -1.37 -5.44 7.20
CA ILE A 185 -1.27 -4.03 7.00
C ILE A 185 -2.33 -3.65 5.98
N LEU A 186 -3.12 -2.61 6.28
CA LEU A 186 -4.21 -2.19 5.39
C LEU A 186 -3.85 -0.89 4.70
N ASP A 187 -3.91 -0.96 3.37
CA ASP A 187 -3.80 0.18 2.48
C ASP A 187 -5.05 1.04 2.61
N VAL A 188 -4.90 2.29 3.03
CA VAL A 188 -6.05 3.19 3.15
C VAL A 188 -5.88 4.50 2.39
N VAL A 189 -7.02 5.02 1.93
CA VAL A 189 -7.03 6.14 1.04
C VAL A 189 -7.70 7.35 1.66
N TYR A 190 -6.89 8.32 2.07
CA TYR A 190 -7.39 9.51 2.77
C TYR A 190 -7.12 10.80 1.97
N ASN A 191 -6.84 10.64 0.68
CA ASN A 191 -6.52 11.78 -0.18
C ASN A 191 -7.61 12.14 -1.19
N HIS A 192 -8.58 11.24 -1.35
CA HIS A 192 -9.68 11.46 -2.27
C HIS A 192 -10.66 10.34 -2.07
N VAL A 193 -11.75 10.42 -2.84
CA VAL A 193 -12.79 9.43 -2.87
C VAL A 193 -13.03 9.03 -4.35
N GLY A 194 -13.40 7.78 -4.60
CA GLY A 194 -13.71 7.34 -5.97
C GLY A 194 -14.87 8.09 -6.60
N PRO A 195 -14.93 8.07 -7.94
CA PRO A 195 -15.89 8.88 -8.71
C PRO A 195 -17.33 8.34 -8.82
N GLU A 196 -17.58 7.09 -8.46
CA GLU A 196 -18.95 6.60 -8.48
C GLU A 196 -19.37 6.14 -7.12
N GLY A 197 -20.57 6.54 -6.70
CA GLY A 197 -21.12 5.99 -5.47
C GLY A 197 -20.79 6.77 -4.21
N ASN A 198 -20.22 7.94 -4.37
CA ASN A 198 -19.95 8.82 -3.24
C ASN A 198 -21.02 9.89 -3.18
N TYR A 199 -21.59 10.05 -2.01
CA TYR A 199 -22.75 10.90 -1.82
C TYR A 199 -22.52 12.02 -0.82
N MET A 200 -21.28 12.11 -0.35
CA MET A 200 -20.88 13.09 0.65
C MET A 200 -21.04 14.54 0.19
N VAL A 201 -20.97 14.81 -1.12
CA VAL A 201 -21.10 16.20 -1.64
C VAL A 201 -22.46 16.81 -1.30
N LYS A 202 -23.46 15.97 -1.21
CA LYS A 202 -24.77 16.49 -0.90
C LYS A 202 -24.86 16.81 0.60
N LEU A 203 -23.90 16.33 1.39
CA LEU A 203 -24.07 16.41 2.85
C LEU A 203 -23.42 17.64 3.48
N GLY A 204 -22.22 17.98 3.02
CA GLY A 204 -21.45 19.01 3.68
C GLY A 204 -20.11 19.13 3.01
N PRO A 205 -19.28 20.09 3.46
CA PRO A 205 -17.98 20.31 2.82
C PRO A 205 -16.89 19.30 3.21
N TYR A 206 -17.15 18.01 2.90
CA TYR A 206 -16.13 16.97 2.95
C TYR A 206 -14.95 17.25 2.09
N PHE A 207 -15.18 17.93 0.97
CA PHE A 207 -14.15 18.15 -0.02
C PHE A 207 -13.62 19.56 -0.08
N SER A 208 -12.33 19.65 -0.35
CA SER A 208 -11.66 20.89 -0.40
C SER A 208 -11.96 21.55 -1.72
N GLN A 209 -12.19 22.86 -1.60
CA GLN A 209 -12.33 23.74 -2.72
C GLN A 209 -10.93 24.16 -3.17
N LYS A 210 -9.95 23.93 -2.28
CA LYS A 210 -8.60 24.50 -2.47
C LYS A 210 -7.80 23.81 -3.53
N TYR A 211 -7.85 22.49 -3.61
CA TYR A 211 -7.21 21.83 -4.75
C TYR A 211 -7.82 20.46 -5.13
N LYS A 212 -7.21 19.88 -6.17
CA LYS A 212 -7.62 18.59 -6.70
C LYS A 212 -6.41 17.65 -6.81
N THR A 213 -6.67 16.39 -6.51
CA THR A 213 -5.74 15.31 -6.86
C THR A 213 -5.99 14.91 -8.34
N PRO A 214 -5.06 14.14 -8.93
CA PRO A 214 -5.33 13.58 -10.27
C PRO A 214 -6.53 12.62 -10.31
N TRP A 215 -7.04 12.23 -9.13
CA TRP A 215 -8.11 11.21 -8.97
C TRP A 215 -9.43 11.78 -8.44
N GLY A 216 -9.50 13.09 -8.24
CA GLY A 216 -10.71 13.66 -7.67
C GLY A 216 -10.39 14.75 -6.67
N LEU A 217 -11.43 15.39 -6.18
CA LEU A 217 -11.23 16.40 -5.16
C LEU A 217 -10.77 15.71 -3.87
N THR A 218 -9.93 16.43 -3.15
CA THR A 218 -9.37 15.94 -1.91
C THR A 218 -10.20 16.33 -0.67
N PHE A 219 -9.98 15.63 0.44
CA PHE A 219 -10.64 15.96 1.68
C PHE A 219 -10.31 17.37 2.21
N ASN A 220 -11.34 18.01 2.78
CA ASN A 220 -11.18 19.35 3.38
C ASN A 220 -10.69 19.21 4.83
N PHE A 221 -9.38 19.38 5.05
CA PHE A 221 -8.78 19.30 6.40
C PHE A 221 -8.54 20.65 7.13
N ASP A 222 -8.62 21.76 6.40
CA ASP A 222 -8.15 23.03 6.95
C ASP A 222 -9.00 24.28 6.69
N ASP A 223 -10.23 24.08 6.21
CA ASP A 223 -11.13 25.16 5.87
C ASP A 223 -12.38 25.06 6.72
N ALA A 224 -13.37 25.88 6.39
CA ALA A 224 -14.63 25.92 7.14
C ALA A 224 -15.14 24.50 7.29
N GLU A 225 -15.57 24.17 8.51
CA GLU A 225 -16.21 22.89 8.83
C GLU A 225 -15.32 21.66 8.76
N SER A 226 -14.01 21.87 8.66
CA SER A 226 -13.08 20.76 8.55
C SER A 226 -12.89 19.95 9.83
N ASP A 227 -13.18 20.49 11.02
CA ASP A 227 -13.06 19.64 12.23
C ASP A 227 -13.70 18.25 12.01
N GLU A 228 -14.87 18.23 11.36
CA GLU A 228 -15.71 17.06 11.31
C GLU A 228 -15.15 16.09 10.29
N VAL A 229 -14.55 16.63 9.24
CA VAL A 229 -13.87 15.80 8.30
C VAL A 229 -12.58 15.22 8.82
N ARG A 230 -11.84 15.98 9.61
CA ARG A 230 -10.67 15.39 10.29
C ARG A 230 -11.13 14.20 11.17
N LYS A 231 -12.24 14.41 11.85
CA LYS A 231 -12.81 13.42 12.73
C LYS A 231 -13.21 12.16 11.95
N PHE A 232 -13.82 12.35 10.79
CA PHE A 232 -14.26 11.25 9.96
C PHE A 232 -13.08 10.35 9.58
N ILE A 233 -11.94 10.97 9.25
CA ILE A 233 -10.76 10.24 8.87
C ILE A 233 -10.10 9.61 10.11
N LEU A 234 -9.92 10.39 11.18
CA LEU A 234 -9.22 9.86 12.36
C LEU A 234 -10.00 8.70 13.02
N GLU A 235 -11.32 8.79 13.03
CA GLU A 235 -12.13 7.70 13.58
C GLU A 235 -12.05 6.46 12.69
N ASN A 236 -11.79 6.66 11.39
CA ASN A 236 -11.59 5.55 10.50
C ASN A 236 -10.34 4.76 10.88
N VAL A 237 -9.25 5.45 11.22
CA VAL A 237 -8.08 4.71 11.59
C VAL A 237 -8.26 3.95 12.89
N GLU A 238 -8.85 4.60 13.87
CA GLU A 238 -9.25 3.92 15.08
C GLU A 238 -10.19 2.71 14.81
N TYR A 239 -11.16 2.88 13.92
CA TYR A 239 -12.13 1.81 13.62
C TYR A 239 -11.44 0.55 13.04
N TRP A 240 -10.47 0.72 12.16
CA TRP A 240 -9.81 -0.46 11.60
C TRP A 240 -9.05 -1.19 12.68
N ILE A 241 -8.46 -0.45 13.62
CA ILE A 241 -7.70 -1.08 14.71
C ILE A 241 -8.66 -1.82 15.70
N LYS A 242 -9.71 -1.16 16.16
CA LYS A 242 -10.55 -1.72 17.22
C LYS A 242 -11.50 -2.80 16.70
N GLU A 243 -12.08 -2.53 15.55
CA GLU A 243 -13.08 -3.41 14.98
C GLU A 243 -12.47 -4.58 14.18
N TYR A 244 -11.23 -4.44 13.70
CA TYR A 244 -10.65 -5.51 12.90
C TYR A 244 -9.32 -6.00 13.39
N ASN A 245 -8.77 -5.33 14.38
CA ASN A 245 -7.54 -5.77 15.02
C ASN A 245 -6.36 -5.79 14.05
N VAL A 246 -6.47 -4.90 13.08
CA VAL A 246 -5.44 -4.70 12.07
C VAL A 246 -4.10 -4.27 12.73
N ASP A 247 -2.97 -4.65 12.13
CA ASP A 247 -1.63 -4.34 12.66
C ASP A 247 -1.07 -2.97 12.30
N GLY A 248 -1.59 -2.39 11.22
CA GLY A 248 -1.00 -1.18 10.72
C GLY A 248 -1.58 -0.82 9.40
N PHE A 249 -1.00 0.22 8.79
CA PHE A 249 -1.61 0.86 7.66
C PHE A 249 -0.54 1.31 6.68
N ARG A 250 -0.95 1.36 5.42
CA ARG A 250 -0.15 1.97 4.38
C ARG A 250 -1.04 3.09 3.83
N LEU A 251 -0.58 4.32 4.01
CA LEU A 251 -1.35 5.48 3.63
C LEU A 251 -1.03 5.81 2.20
N SER A 252 -2.06 5.75 1.38
CA SER A 252 -1.99 6.18 0.01
C SER A 252 -1.67 7.64 -0.15
N ALA A 253 -0.67 7.87 -1.02
CA ALA A 253 -0.22 9.18 -1.53
C ALA A 253 -0.34 10.33 -0.53
N VAL A 254 0.54 10.38 0.46
CA VAL A 254 0.40 11.38 1.48
C VAL A 254 0.76 12.77 0.98
N HIS A 255 1.55 12.84 -0.10
CA HIS A 255 1.81 14.14 -0.77
C HIS A 255 0.58 14.79 -1.33
N ALA A 256 -0.50 14.04 -1.45
CA ALA A 256 -1.79 14.56 -1.88
C ALA A 256 -2.74 14.90 -0.72
N ILE A 257 -2.24 14.75 0.52
CA ILE A 257 -3.00 15.14 1.70
C ILE A 257 -2.43 16.48 2.20
N ILE A 258 -3.15 17.55 1.89
CA ILE A 258 -2.66 18.91 2.08
C ILE A 258 -3.34 19.53 3.26
N ASP A 259 -2.53 20.06 4.17
CA ASP A 259 -3.08 20.55 5.42
C ASP A 259 -2.23 21.72 5.90
N THR A 260 -2.81 22.91 5.97
CA THR A 260 -2.08 24.07 6.49
C THR A 260 -2.39 24.33 7.96
N SER A 261 -3.13 23.42 8.62
CA SER A 261 -3.37 23.53 10.09
C SER A 261 -2.12 23.58 10.95
N PRO A 262 -2.25 24.01 12.20
CA PRO A 262 -1.06 24.07 13.08
C PRO A 262 -0.47 22.70 13.36
N LYS A 263 -1.32 21.66 13.44
CA LYS A 263 -0.89 20.27 13.47
C LYS A 263 -1.45 19.51 12.26
N HIS A 264 -0.52 18.99 11.45
CA HIS A 264 -0.86 18.30 10.23
C HIS A 264 -1.68 17.03 10.54
N ILE A 265 -2.70 16.79 9.73
CA ILE A 265 -3.56 15.65 9.86
C ILE A 265 -2.71 14.36 9.80
N LEU A 266 -1.59 14.40 9.05
CA LEU A 266 -0.68 13.23 8.94
C LEU A 266 -0.03 12.92 10.28
N GLU A 267 0.31 13.96 11.05
CA GLU A 267 0.80 13.76 12.39
C GLU A 267 -0.31 13.18 13.31
N GLU A 268 -1.55 13.64 13.13
CA GLU A 268 -2.65 13.17 13.97
C GLU A 268 -2.99 11.71 13.66
N ILE A 269 -2.90 11.36 12.37
CA ILE A 269 -3.11 10.01 11.93
C ILE A 269 -2.13 9.09 12.66
N ALA A 270 -0.84 9.43 12.60
CA ALA A 270 0.20 8.69 13.30
C ALA A 270 -0.04 8.66 14.81
N ASP A 271 -0.50 9.77 15.41
CA ASP A 271 -0.84 9.83 16.83
C ASP A 271 -1.88 8.76 17.21
N VAL A 272 -2.95 8.63 16.43
CA VAL A 272 -3.92 7.57 16.65
C VAL A 272 -3.30 6.16 16.53
N VAL A 273 -2.56 5.93 15.43
CA VAL A 273 -1.99 4.61 15.27
C VAL A 273 -0.97 4.33 16.36
N HIS A 274 -0.17 5.30 16.75
CA HIS A 274 0.75 5.04 17.86
C HIS A 274 0.06 4.91 19.23
N LYS A 275 -1.03 5.64 19.43
CA LYS A 275 -1.80 5.51 20.66
C LYS A 275 -2.18 4.05 20.90
N TYR A 276 -2.55 3.35 19.83
CA TYR A 276 -2.86 1.93 19.89
C TYR A 276 -1.70 1.01 19.54
N ASN A 277 -0.48 1.52 19.64
CA ASN A 277 0.73 0.72 19.40
C ASN A 277 0.75 -0.03 18.07
N ARG A 278 0.25 0.59 17.01
CA ARG A 278 0.27 -0.04 15.68
C ARG A 278 1.38 0.62 14.81
N ILE A 279 1.46 0.29 13.52
CA ILE A 279 2.50 0.84 12.63
C ILE A 279 1.79 1.51 11.46
N VAL A 280 2.36 2.63 11.01
CA VAL A 280 1.92 3.25 9.81
C VAL A 280 3.08 3.46 8.88
N ILE A 281 2.82 3.26 7.59
CA ILE A 281 3.74 3.44 6.52
C ILE A 281 3.07 4.39 5.53
N ALA A 282 3.88 5.31 5.04
CA ALA A 282 3.36 6.33 4.13
C ALA A 282 3.93 6.10 2.73
N GLU A 283 3.06 6.09 1.72
CA GLU A 283 3.56 6.22 0.35
C GLU A 283 3.70 7.70 0.12
N SER A 284 4.95 8.17 -0.02
CA SER A 284 5.21 9.60 -0.19
C SER A 284 6.09 9.86 -1.39
N ASP A 285 5.66 10.78 -2.27
CA ASP A 285 6.46 11.22 -3.38
C ASP A 285 7.25 12.50 -3.05
N LEU A 286 7.34 12.89 -1.78
CA LEU A 286 7.94 14.18 -1.42
C LEU A 286 9.44 14.16 -1.30
N ASN A 287 10.03 13.00 -1.05
CA ASN A 287 11.47 12.92 -0.70
C ASN A 287 11.82 13.88 0.39
N ASP A 288 10.98 13.85 1.42
CA ASP A 288 11.12 14.80 2.53
C ASP A 288 10.99 14.02 3.82
N PRO A 289 12.06 13.98 4.62
CA PRO A 289 12.14 13.24 5.89
C PRO A 289 11.10 13.69 6.94
N ARG A 290 10.51 14.87 6.79
CA ARG A 290 9.47 15.29 7.73
C ARG A 290 8.37 14.24 7.89
N VAL A 291 8.08 13.49 6.82
CA VAL A 291 7.05 12.47 6.91
C VAL A 291 7.36 11.46 8.07
N VAL A 292 8.63 11.24 8.29
CA VAL A 292 9.12 10.10 9.04
C VAL A 292 9.98 10.53 10.25
N ASN A 293 10.44 11.79 10.25
CA ASN A 293 11.14 12.33 11.40
C ASN A 293 10.32 12.28 12.69
N PRO A 294 10.98 12.08 13.83
CA PRO A 294 10.27 12.25 15.10
C PRO A 294 9.74 13.70 15.30
N LYS A 295 8.80 13.88 16.23
CA LYS A 295 8.25 15.22 16.51
C LYS A 295 9.31 16.26 16.88
N GLU A 296 10.29 15.82 17.67
CA GLU A 296 11.42 16.64 18.13
C GLU A 296 12.22 17.19 16.97
N LYS A 297 12.16 16.51 15.82
CA LYS A 297 12.80 17.02 14.61
C LYS A 297 11.76 17.59 13.64
N CYS A 298 10.57 17.95 14.14
CA CYS A 298 9.55 18.65 13.32
C CYS A 298 8.83 17.73 12.34
N GLY A 299 8.84 16.42 12.57
CA GLY A 299 8.28 15.46 11.63
C GLY A 299 6.92 14.98 12.04
N TYR A 300 6.25 14.23 11.18
CA TYR A 300 4.96 13.64 11.55
C TYR A 300 5.10 12.34 12.32
N ASN A 301 6.33 11.80 12.37
CA ASN A 301 6.63 10.59 13.13
C ASN A 301 5.93 9.34 12.56
N ILE A 302 5.57 9.38 11.27
CA ILE A 302 5.14 8.13 10.59
C ILE A 302 6.29 7.06 10.62
N ASP A 303 5.99 5.77 10.76
CA ASP A 303 7.01 4.74 11.00
C ASP A 303 7.99 4.54 9.83
N ALA A 304 7.46 4.54 8.60
CA ALA A 304 8.32 4.41 7.43
C ALA A 304 7.62 4.97 6.22
N GLN A 305 8.40 5.20 5.17
CA GLN A 305 7.84 5.61 3.90
C GLN A 305 8.40 4.78 2.71
N TRP A 306 7.59 4.60 1.67
CA TRP A 306 8.04 4.03 0.40
C TRP A 306 9.09 4.95 -0.22
N VAL A 307 10.17 4.35 -0.74
CA VAL A 307 11.22 5.12 -1.38
C VAL A 307 11.29 4.62 -2.84
N ASP A 308 10.48 5.22 -3.73
CA ASP A 308 10.52 4.88 -5.17
C ASP A 308 11.93 5.01 -5.77
N ASP A 309 12.74 5.96 -5.29
CA ASP A 309 14.08 6.16 -5.88
C ASP A 309 14.90 4.84 -5.91
N PHE A 310 14.69 3.98 -4.91
CA PHE A 310 15.42 2.75 -4.85
C PHE A 310 14.98 1.85 -6.04
N HIS A 311 13.68 1.50 -6.12
CA HIS A 311 13.13 0.83 -7.28
C HIS A 311 13.58 1.46 -8.63
N HIS A 312 13.39 2.77 -8.75
CA HIS A 312 13.63 3.43 -10.01
C HIS A 312 15.08 3.27 -10.44
N SER A 313 16.00 3.38 -9.48
CA SER A 313 17.40 3.17 -9.76
C SER A 313 17.64 1.81 -10.35
N ILE A 314 17.03 0.81 -9.75
CA ILE A 314 17.33 -0.56 -10.15
C ILE A 314 16.67 -0.80 -11.50
N HIS A 315 15.38 -0.44 -11.62
CA HIS A 315 14.63 -0.69 -12.86
C HIS A 315 15.31 -0.03 -14.05
N ALA A 316 15.57 1.26 -13.92
CA ALA A 316 16.13 2.04 -15.02
C ALA A 316 17.46 1.48 -15.45
N TYR A 317 18.31 1.16 -14.47
CA TYR A 317 19.65 0.70 -14.78
C TYR A 317 19.58 -0.66 -15.48
N LEU A 318 18.77 -1.58 -14.95
CA LEU A 318 18.71 -2.93 -15.50
C LEU A 318 17.94 -3.01 -16.82
N THR A 319 16.89 -2.23 -16.99
CA THR A 319 16.08 -2.36 -18.23
C THR A 319 16.51 -1.42 -19.35
N GLY A 320 17.27 -0.34 -19.03
CA GLY A 320 17.54 0.72 -20.01
C GLY A 320 16.36 1.65 -20.29
N GLU A 321 15.25 1.48 -19.60
CA GLU A 321 14.07 2.35 -19.76
C GLU A 321 14.28 3.77 -19.22
N ARG A 322 13.81 4.76 -19.98
CA ARG A 322 13.92 6.18 -19.58
C ARG A 322 12.63 6.97 -19.75
N GLN A 323 11.52 6.32 -20.10
CA GLN A 323 10.24 7.00 -20.26
C GLN A 323 9.67 7.46 -18.91
N GLY A 324 8.78 8.45 -18.95
CA GLY A 324 8.24 9.06 -17.75
C GLY A 324 9.27 9.33 -16.68
N TYR A 325 8.97 8.93 -15.43
CA TYR A 325 9.89 9.19 -14.32
C TYR A 325 11.29 8.54 -14.39
N TYR A 326 11.45 7.48 -15.19
CA TYR A 326 12.75 6.83 -15.39
C TYR A 326 13.80 7.74 -16.00
N THR A 327 13.38 8.82 -16.68
CA THR A 327 14.32 9.79 -17.20
C THR A 327 15.27 10.33 -16.12
N ASP A 328 14.79 10.39 -14.87
CA ASP A 328 15.60 10.91 -13.80
C ASP A 328 16.69 9.95 -13.30
N PHE A 329 16.72 8.73 -13.84
CA PHE A 329 17.54 7.66 -13.34
C PHE A 329 18.25 6.98 -14.50
N GLY A 330 18.97 5.90 -14.21
CA GLY A 330 19.50 5.06 -15.25
C GLY A 330 20.94 4.69 -15.06
N ASN A 331 21.65 5.42 -14.20
CA ASN A 331 23.05 5.12 -13.92
C ASN A 331 23.26 4.17 -12.77
N LEU A 332 24.38 3.47 -12.79
CA LEU A 332 24.77 2.61 -11.67
C LEU A 332 24.92 3.46 -10.42
N ASP A 333 25.53 4.63 -10.60
CA ASP A 333 25.70 5.61 -9.54
C ASP A 333 24.38 5.87 -8.75
N ASP A 334 23.23 5.78 -9.44
CA ASP A 334 21.94 6.09 -8.82
C ASP A 334 21.60 5.00 -7.83
N ILE A 335 21.92 3.74 -8.17
CA ILE A 335 21.72 2.64 -7.25
C ILE A 335 22.62 2.77 -6.03
N VAL A 336 23.90 3.12 -6.24
CA VAL A 336 24.77 3.29 -5.09
C VAL A 336 24.32 4.45 -4.21
N LYS A 337 23.90 5.55 -4.82
CA LYS A 337 23.35 6.69 -4.07
C LYS A 337 22.15 6.26 -3.22
N SER A 338 21.18 5.57 -3.82
CA SER A 338 20.05 5.13 -3.00
C SER A 338 20.49 4.17 -1.86
N TYR A 339 21.42 3.26 -2.15
CA TYR A 339 22.00 2.39 -1.11
C TYR A 339 22.65 3.15 0.03
N LYS A 340 23.27 4.28 -0.27
CA LYS A 340 23.99 5.04 0.75
C LYS A 340 23.16 6.12 1.44
N ASP A 341 22.38 6.86 0.65
CA ASP A 341 21.74 8.09 1.11
C ASP A 341 20.19 8.01 1.06
N VAL A 342 19.67 6.83 0.73
CA VAL A 342 18.20 6.57 0.61
C VAL A 342 17.59 7.23 -0.63
N PHE A 343 17.52 8.55 -0.67
CA PHE A 343 17.00 9.24 -1.85
C PHE A 343 18.09 9.51 -2.87
N VAL A 344 17.77 9.33 -4.14
CA VAL A 344 18.61 9.85 -5.21
C VAL A 344 18.38 11.35 -5.33
N TYR A 345 17.10 11.75 -5.30
CA TYR A 345 16.76 13.17 -5.31
C TYR A 345 16.62 13.64 -3.86
N ASP A 346 17.76 14.11 -3.34
CA ASP A 346 17.82 14.56 -1.95
C ASP A 346 18.06 16.09 -1.98
N GLY A 347 17.39 16.80 -2.90
CA GLY A 347 17.60 18.23 -3.04
C GLY A 347 18.45 18.51 -4.26
N LYS A 348 18.10 17.86 -5.37
CA LYS A 348 18.88 17.97 -6.60
C LYS A 348 17.87 18.27 -7.71
N TYR A 349 18.31 19.00 -8.75
CA TYR A 349 17.38 19.29 -9.87
C TYR A 349 16.85 18.03 -10.59
N SER A 350 15.53 17.90 -10.69
CA SER A 350 14.91 16.82 -11.45
C SER A 350 14.42 17.32 -12.82
N ASN A 351 14.92 16.70 -13.89
CA ASN A 351 14.44 17.04 -15.24
C ASN A 351 12.97 16.59 -15.45
N PHE A 352 12.60 15.49 -14.84
CA PHE A 352 11.24 15.00 -14.99
C PHE A 352 10.28 16.00 -14.34
N ARG A 353 10.67 16.52 -13.17
CA ARG A 353 9.77 17.38 -12.40
C ARG A 353 9.94 18.88 -12.69
N ARG A 354 11.00 19.22 -13.43
CA ARG A 354 11.39 20.61 -13.69
C ARG A 354 11.56 21.45 -12.41
N LYS A 355 12.20 20.88 -11.40
CA LYS A 355 12.45 21.60 -10.14
C LYS A 355 13.46 20.88 -9.29
N THR A 356 13.95 21.58 -8.29
CA THR A 356 14.77 20.95 -7.27
C THR A 356 13.82 20.07 -6.43
N HIS A 357 14.25 18.83 -6.18
CA HIS A 357 13.37 17.83 -5.52
C HIS A 357 14.06 17.15 -4.35
N GLY A 358 13.36 17.09 -3.21
CA GLY A 358 13.77 16.31 -2.05
C GLY A 358 14.72 16.96 -1.08
N GLU A 359 15.21 16.19 -0.12
CA GLU A 359 15.93 16.74 1.01
C GLU A 359 16.65 15.53 1.59
N PRO A 360 17.90 15.71 2.07
CA PRO A 360 18.56 14.55 2.66
C PRO A 360 17.87 14.04 3.92
N VAL A 361 18.18 12.83 4.25
CA VAL A 361 17.44 12.11 5.19
C VAL A 361 18.17 12.06 6.54
N GLY A 362 19.40 12.58 6.60
CA GLY A 362 20.19 12.50 7.82
C GLY A 362 20.54 11.07 8.30
N GLU A 363 20.57 10.91 9.62
CA GLU A 363 20.93 9.63 10.23
C GLU A 363 19.78 8.64 10.47
N LEU A 364 18.56 8.92 10.00
CA LEU A 364 17.48 7.95 10.08
C LEU A 364 17.91 6.54 9.67
N ASP A 365 17.61 5.53 10.48
CA ASP A 365 18.05 4.19 10.13
C ASP A 365 17.20 3.55 9.00
N GLY A 366 17.55 2.35 8.56
CA GLY A 366 16.96 1.82 7.34
C GLY A 366 15.50 1.47 7.49
N CYS A 367 15.06 1.24 8.70
CA CYS A 367 13.70 0.80 8.93
C CYS A 367 12.67 1.94 8.97
N ASN A 368 13.09 3.13 8.52
CA ASN A 368 12.17 4.23 8.20
C ASN A 368 11.77 4.24 6.72
N PHE A 369 12.21 3.23 5.97
CA PHE A 369 11.97 3.24 4.55
C PHE A 369 11.60 1.88 4.03
N VAL A 370 10.76 1.86 3.00
CA VAL A 370 10.44 0.62 2.36
C VAL A 370 10.78 0.62 0.88
N VAL A 371 11.38 -0.49 0.44
CA VAL A 371 11.87 -0.60 -0.93
C VAL A 371 11.34 -1.89 -1.54
N TYR A 372 11.46 -1.99 -2.87
CA TYR A 372 10.80 -3.00 -3.65
C TYR A 372 11.38 -2.91 -5.06
N ILE A 373 11.37 -4.04 -5.77
CA ILE A 373 11.64 -4.00 -7.20
C ILE A 373 10.31 -4.11 -7.94
N GLN A 374 9.23 -4.49 -7.22
CA GLN A 374 7.89 -4.57 -7.83
C GLN A 374 6.81 -4.15 -6.85
N ASN A 375 5.71 -3.59 -7.39
CA ASN A 375 4.49 -3.44 -6.61
C ASN A 375 3.38 -3.15 -7.59
N HIS A 376 2.14 -3.03 -7.13
CA HIS A 376 1.01 -2.89 -8.03
C HIS A 376 1.11 -1.68 -8.98
N ASP A 377 1.80 -0.60 -8.55
CA ASP A 377 2.00 0.57 -9.40
C ASP A 377 3.09 0.40 -10.45
N GLN A 378 4.24 -0.08 -10.00
CA GLN A 378 5.39 -0.18 -10.88
C GLN A 378 5.15 -1.28 -11.94
N VAL A 379 4.19 -2.17 -11.66
CA VAL A 379 3.70 -3.10 -12.69
C VAL A 379 2.46 -2.52 -13.39
N GLY A 380 1.41 -2.24 -12.61
CA GLY A 380 0.12 -1.86 -13.14
C GLY A 380 -0.06 -0.49 -13.83
N ASN A 381 0.81 0.48 -13.57
CA ASN A 381 0.76 1.76 -14.30
C ASN A 381 1.49 1.70 -15.65
N ARG A 382 2.15 0.59 -15.90
CA ARG A 382 2.60 0.29 -17.26
C ARG A 382 1.37 -0.02 -18.12
N GLY A 383 1.36 0.58 -19.31
CA GLY A 383 0.30 0.35 -20.28
C GLY A 383 0.04 -1.12 -20.53
N LYS A 384 1.10 -1.90 -20.71
CA LYS A 384 0.96 -3.36 -20.93
C LYS A 384 1.09 -4.13 -19.62
N GLY A 385 1.17 -3.42 -18.49
CA GLY A 385 1.24 -4.06 -17.19
C GLY A 385 2.32 -5.12 -16.99
N GLU A 386 3.48 -4.98 -17.59
CA GLU A 386 4.49 -6.04 -17.54
C GLU A 386 5.25 -6.12 -16.22
N ARG A 387 5.49 -7.33 -15.72
CA ARG A 387 6.31 -7.49 -14.54
C ARG A 387 7.74 -7.40 -14.99
N ILE A 388 8.63 -7.16 -14.05
CA ILE A 388 10.00 -6.83 -14.41
C ILE A 388 10.70 -8.06 -14.92
N ILE A 389 10.19 -9.23 -14.54
CA ILE A 389 10.66 -10.49 -15.10
C ILE A 389 10.69 -10.56 -16.64
N LYS A 390 9.81 -9.79 -17.30
CA LYS A 390 9.71 -9.79 -18.78
C LYS A 390 10.65 -8.77 -19.41
N LEU A 391 11.37 -8.01 -18.58
CA LEU A 391 12.10 -6.81 -19.06
C LEU A 391 13.60 -6.93 -18.90
N VAL A 392 14.03 -7.96 -18.18
CA VAL A 392 15.45 -8.22 -17.88
C VAL A 392 15.64 -9.75 -17.97
N ASP A 393 16.88 -10.20 -18.13
CA ASP A 393 17.15 -11.62 -18.19
C ASP A 393 17.10 -12.23 -16.80
N ARG A 394 17.23 -13.54 -16.72
CA ARG A 394 17.11 -14.27 -15.44
C ARG A 394 18.13 -13.84 -14.41
N GLU A 395 19.39 -13.67 -14.83
CA GLU A 395 20.42 -13.21 -13.89
C GLU A 395 20.08 -11.84 -13.28
N SER A 396 19.63 -10.90 -14.11
CA SER A 396 19.35 -9.56 -13.64
C SER A 396 18.16 -9.60 -12.70
N TYR A 397 17.22 -10.52 -12.93
CA TYR A 397 16.04 -10.60 -12.06
C TYR A 397 16.51 -11.00 -10.68
N LYS A 398 17.40 -11.97 -10.63
CA LYS A 398 17.90 -12.45 -9.36
C LYS A 398 18.79 -11.43 -8.64
N ILE A 399 19.59 -10.70 -9.43
CA ILE A 399 20.43 -9.63 -8.93
C ILE A 399 19.53 -8.53 -8.31
N ALA A 400 18.45 -8.20 -9.02
CA ALA A 400 17.48 -7.19 -8.56
C ALA A 400 16.88 -7.62 -7.22
N ALA A 401 16.46 -8.88 -7.13
CA ALA A 401 15.80 -9.39 -5.94
C ALA A 401 16.77 -9.30 -4.79
N ALA A 402 18.02 -9.66 -5.04
CA ALA A 402 19.03 -9.61 -3.98
C ALA A 402 19.29 -8.15 -3.50
N LEU A 403 19.40 -7.24 -4.45
CA LEU A 403 19.68 -5.83 -4.12
C LEU A 403 18.69 -5.28 -3.10
N TYR A 404 17.39 -5.58 -3.26
CA TYR A 404 16.44 -5.00 -2.32
C TYR A 404 16.28 -5.82 -1.08
N LEU A 405 16.30 -7.14 -1.21
CA LEU A 405 16.07 -8.00 -0.03
C LEU A 405 17.25 -7.98 0.92
N LEU A 406 18.45 -7.75 0.42
CA LEU A 406 19.61 -7.53 1.29
C LEU A 406 19.95 -6.04 1.60
N SER A 407 19.05 -5.12 1.32
CA SER A 407 19.32 -3.71 1.62
C SER A 407 19.00 -3.41 3.09
N PRO A 408 19.46 -2.26 3.61
CA PRO A 408 19.08 -1.90 5.00
C PRO A 408 17.59 -1.58 5.17
N TYR A 409 16.83 -1.51 4.08
CA TYR A 409 15.45 -0.99 4.17
C TYR A 409 14.49 -2.12 4.37
N ILE A 410 13.23 -1.76 4.66
CA ILE A 410 12.21 -2.76 4.78
C ILE A 410 11.79 -3.16 3.35
N PRO A 411 11.93 -4.45 3.04
CA PRO A 411 11.61 -4.94 1.70
C PRO A 411 10.12 -5.30 1.55
N MET A 412 9.56 -4.95 0.40
CA MET A 412 8.21 -5.37 0.09
C MET A 412 8.20 -6.19 -1.19
N ILE A 413 7.59 -7.36 -1.11
CA ILE A 413 7.51 -8.27 -2.24
C ILE A 413 6.14 -8.12 -2.86
N PHE A 414 6.10 -8.07 -4.18
CA PHE A 414 4.81 -8.03 -4.85
C PHE A 414 4.31 -9.46 -5.13
N MET A 415 3.04 -9.71 -4.86
CA MET A 415 2.46 -11.08 -4.93
C MET A 415 2.82 -11.72 -6.29
N GLY A 416 3.42 -12.91 -6.26
CA GLY A 416 3.83 -13.62 -7.48
C GLY A 416 5.30 -13.44 -7.80
N GLU A 417 5.85 -12.30 -7.44
CA GLU A 417 7.25 -11.99 -7.78
C GLU A 417 8.18 -13.11 -7.33
N GLU A 418 7.85 -13.71 -6.18
CA GLU A 418 8.78 -14.59 -5.48
C GLU A 418 8.90 -15.96 -6.17
N TYR A 419 7.89 -16.35 -6.95
CA TYR A 419 8.03 -17.63 -7.67
C TYR A 419 8.23 -17.41 -9.15
N GLY A 420 8.49 -16.18 -9.57
CA GLY A 420 8.70 -15.85 -10.97
C GLY A 420 7.40 -15.75 -11.78
N GLU A 421 6.32 -15.25 -11.18
CA GLU A 421 5.09 -14.98 -11.94
C GLU A 421 5.37 -14.15 -13.19
N GLU A 422 4.73 -14.51 -14.29
CA GLU A 422 4.89 -13.81 -15.57
C GLU A 422 3.65 -13.09 -16.05
N ASN A 423 2.47 -13.40 -15.51
CA ASN A 423 1.25 -12.69 -15.90
C ASN A 423 1.38 -11.18 -15.70
N PRO A 424 0.81 -10.40 -16.62
CA PRO A 424 0.78 -8.99 -16.37
C PRO A 424 -0.10 -8.65 -15.14
N PHE A 425 0.07 -7.44 -14.63
CA PHE A 425 -0.93 -6.89 -13.72
C PHE A 425 -1.41 -5.58 -14.33
N TYR A 426 -2.67 -5.55 -14.78
CA TYR A 426 -3.24 -4.39 -15.46
C TYR A 426 -4.04 -3.53 -14.47
N PHE A 427 -4.32 -2.30 -14.88
CA PHE A 427 -5.37 -1.51 -14.26
C PHE A 427 -6.76 -1.97 -14.73
N PHE A 428 -7.63 -2.31 -13.78
CA PHE A 428 -8.99 -2.75 -14.14
C PHE A 428 -10.00 -2.02 -13.29
N SER A 429 -11.21 -1.82 -13.84
CA SER A 429 -12.26 -1.18 -13.08
C SER A 429 -13.59 -1.76 -13.46
N ASP A 430 -14.60 -1.37 -12.68
CA ASP A 430 -15.90 -2.00 -12.78
C ASP A 430 -16.97 -0.96 -12.49
N PHE A 431 -16.84 0.22 -13.12
CA PHE A 431 -17.85 1.28 -13.00
C PHE A 431 -19.09 0.91 -13.82
N SER A 432 -20.23 1.50 -13.48
CA SER A 432 -21.42 1.29 -14.30
C SER A 432 -21.92 2.61 -14.91
N ASP A 433 -21.37 3.73 -14.46
CA ASP A 433 -21.72 5.04 -14.97
C ASP A 433 -21.05 5.21 -16.32
N SER A 434 -21.83 5.38 -17.37
CA SER A 434 -21.24 5.34 -18.71
C SER A 434 -20.17 6.40 -18.96
N LYS A 435 -20.30 7.58 -18.32
CA LYS A 435 -19.26 8.63 -18.43
C LYS A 435 -17.93 8.13 -17.89
N LEU A 436 -17.97 7.50 -16.71
CA LEU A 436 -16.74 7.00 -16.09
C LEU A 436 -16.21 5.82 -16.88
N ILE A 437 -17.10 5.00 -17.45
CA ILE A 437 -16.69 3.87 -18.30
C ILE A 437 -15.86 4.36 -19.49
N GLN A 438 -16.34 5.40 -20.16
CA GLN A 438 -15.62 6.05 -21.26
C GLN A 438 -14.38 6.82 -20.76
N GLY A 439 -14.49 7.47 -19.62
CA GLY A 439 -13.37 8.24 -19.05
C GLY A 439 -12.16 7.39 -18.71
N VAL A 440 -12.40 6.26 -18.03
CA VAL A 440 -11.33 5.35 -17.65
C VAL A 440 -10.57 4.79 -18.85
N ARG A 441 -11.29 4.33 -19.88
CA ARG A 441 -10.64 3.80 -21.09
C ARG A 441 -9.80 4.88 -21.75
N GLU A 442 -10.37 6.08 -21.85
CA GLU A 442 -9.71 7.16 -22.54
C GLU A 442 -8.51 7.72 -21.74
N GLY A 443 -8.67 7.87 -20.42
CA GLY A 443 -7.61 8.37 -19.55
C GLY A 443 -6.45 7.39 -19.46
N ARG A 444 -6.79 6.12 -19.27
CA ARG A 444 -5.79 5.10 -19.13
C ARG A 444 -5.02 4.84 -20.41
N LYS A 445 -5.69 4.93 -21.56
CA LYS A 445 -5.01 4.84 -22.85
C LYS A 445 -4.07 6.02 -23.00
N LYS A 446 -4.54 7.22 -22.64
CA LYS A 446 -3.78 8.46 -22.81
C LYS A 446 -2.62 8.62 -21.83
N GLU A 447 -2.88 8.36 -20.53
CA GLU A 447 -1.86 8.53 -19.48
C GLU A 447 -0.83 7.37 -19.50
N ASN A 448 -1.34 6.15 -19.72
CA ASN A 448 -0.54 4.96 -19.51
C ASN A 448 -0.24 4.19 -20.80
N GLY A 449 -0.97 4.51 -21.87
CA GLY A 449 -0.81 3.78 -23.13
C GLY A 449 -1.40 2.39 -22.96
N GLN A 450 -2.36 2.25 -22.04
CA GLN A 450 -3.03 0.96 -21.86
C GLN A 450 -3.99 0.73 -23.02
N ASP A 451 -3.76 -0.35 -23.77
CA ASP A 451 -4.70 -0.77 -24.81
C ASP A 451 -5.77 -1.78 -24.36
N THR A 452 -5.48 -2.62 -23.35
CA THR A 452 -6.51 -3.48 -22.81
C THR A 452 -7.56 -2.61 -22.15
N ASP A 453 -8.81 -3.00 -22.26
CA ASP A 453 -9.89 -2.22 -21.69
C ASP A 453 -10.01 -2.52 -20.19
N PRO A 454 -9.80 -1.51 -19.32
CA PRO A 454 -9.95 -1.62 -17.86
C PRO A 454 -11.28 -2.22 -17.45
N GLN A 455 -12.35 -1.88 -18.17
CA GLN A 455 -13.69 -2.36 -17.85
C GLN A 455 -13.97 -3.75 -18.43
N ASP A 456 -13.02 -4.30 -19.19
CA ASP A 456 -13.24 -5.62 -19.73
C ASP A 456 -12.80 -6.67 -18.73
N GLU A 457 -13.70 -7.58 -18.38
CA GLU A 457 -13.42 -8.68 -17.47
C GLU A 457 -12.13 -9.48 -17.80
N SER A 458 -11.81 -9.63 -19.07
CA SER A 458 -10.61 -10.33 -19.44
C SER A 458 -9.34 -9.63 -18.95
N THR A 459 -9.42 -8.30 -18.76
CA THR A 459 -8.32 -7.50 -18.26
C THR A 459 -8.00 -7.90 -16.83
N PHE A 460 -9.04 -8.15 -16.06
CA PHE A 460 -8.93 -8.63 -14.68
C PHE A 460 -8.44 -10.10 -14.62
N ASN A 461 -9.01 -10.94 -15.49
CA ASN A 461 -8.68 -12.37 -15.50
C ASN A 461 -7.22 -12.56 -15.83
N ALA A 462 -6.72 -11.75 -16.77
CA ALA A 462 -5.34 -11.84 -17.21
C ALA A 462 -4.37 -11.44 -16.11
N SER A 463 -4.84 -10.65 -15.13
CA SER A 463 -4.01 -10.17 -14.02
C SER A 463 -3.95 -11.11 -12.83
N LYS A 464 -4.78 -12.15 -12.84
CA LYS A 464 -4.79 -13.17 -11.76
C LYS A 464 -3.47 -13.90 -11.73
N LEU A 465 -2.92 -14.13 -10.53
CA LEU A 465 -1.73 -14.93 -10.40
C LEU A 465 -1.98 -16.34 -10.99
N SER A 466 -0.96 -16.93 -11.61
CA SER A 466 -1.07 -18.29 -12.18
C SER A 466 -0.71 -19.35 -11.18
N TRP A 467 0.11 -18.96 -10.21
CA TRP A 467 0.64 -19.88 -9.21
C TRP A 467 1.56 -20.94 -9.82
N LYS A 468 2.00 -20.67 -11.05
CA LYS A 468 2.94 -21.53 -11.75
C LYS A 468 4.35 -21.31 -11.17
N ILE A 469 4.82 -22.25 -10.35
CA ILE A 469 6.03 -22.06 -9.60
C ILE A 469 7.30 -22.25 -10.44
N ASP A 470 8.12 -21.22 -10.53
CA ASP A 470 9.52 -21.45 -10.94
C ASP A 470 10.31 -21.76 -9.67
N GLU A 471 10.61 -23.04 -9.47
CA GLU A 471 11.27 -23.55 -8.23
C GLU A 471 12.62 -22.91 -7.93
N GLU A 472 13.46 -22.72 -8.94
CA GLU A 472 14.79 -22.12 -8.79
C GLU A 472 14.66 -20.66 -8.30
N ILE A 473 13.70 -19.92 -8.84
CA ILE A 473 13.45 -18.54 -8.36
C ILE A 473 12.88 -18.53 -6.95
N PHE A 474 11.86 -19.35 -6.72
CA PHE A 474 11.29 -19.43 -5.39
C PHE A 474 12.30 -19.79 -4.30
N SER A 475 13.10 -20.82 -4.53
CA SER A 475 14.13 -21.21 -3.55
C SER A 475 15.12 -20.06 -3.29
N PHE A 476 15.38 -19.27 -4.32
CA PHE A 476 16.32 -18.14 -4.25
C PHE A 476 15.73 -17.04 -3.34
N TYR A 477 14.44 -16.72 -3.54
CA TYR A 477 13.74 -15.79 -2.62
C TYR A 477 13.74 -16.24 -1.17
N LYS A 478 13.38 -17.50 -0.95
CA LYS A 478 13.35 -18.05 0.41
C LYS A 478 14.71 -17.94 1.12
N ILE A 479 15.77 -18.27 0.41
CA ILE A 479 17.10 -18.20 1.04
C ILE A 479 17.51 -16.76 1.33
N LEU A 480 17.24 -15.86 0.39
CA LEU A 480 17.48 -14.42 0.60
C LEU A 480 16.83 -13.92 1.88
N ILE A 481 15.55 -14.28 2.06
CA ILE A 481 14.77 -13.78 3.16
C ILE A 481 15.35 -14.29 4.46
N LYS A 482 15.71 -15.56 4.47
CA LYS A 482 16.33 -16.21 5.61
C LYS A 482 17.72 -15.63 5.89
N MET A 483 18.51 -15.35 4.86
CA MET A 483 19.85 -14.81 5.14
C MET A 483 19.76 -13.37 5.64
N ARG A 484 18.78 -12.64 5.14
CA ARG A 484 18.55 -11.25 5.58
C ARG A 484 18.39 -11.25 7.11
N LYS A 485 17.51 -12.13 7.60
CA LYS A 485 17.27 -12.28 9.04
C LYS A 485 18.52 -12.72 9.77
N GLU A 486 19.24 -13.70 9.25
CA GLU A 486 20.40 -14.24 10.00
C GLU A 486 21.63 -13.33 10.05
N LEU A 487 21.79 -12.48 9.03
CA LEU A 487 22.93 -11.59 8.95
C LEU A 487 22.62 -10.26 9.64
N SER A 488 21.42 -10.12 10.22
CA SER A 488 21.01 -8.87 10.87
C SER A 488 21.21 -7.70 9.90
N ILE A 489 20.74 -7.83 8.68
CA ILE A 489 20.90 -6.77 7.67
C ILE A 489 19.99 -5.58 7.94
N ALA A 490 18.89 -5.85 8.64
CA ALA A 490 17.74 -4.97 8.68
C ALA A 490 18.02 -3.70 9.44
N CYS A 491 17.65 -2.55 8.84
CA CYS A 491 17.76 -1.22 9.45
C CYS A 491 19.16 -0.64 9.40
N ASP A 492 20.16 -1.46 9.08
CA ASP A 492 21.56 -1.06 9.33
C ASP A 492 22.16 -0.42 8.07
N ARG A 493 22.36 0.89 8.15
CA ARG A 493 22.81 1.67 7.02
C ARG A 493 24.33 1.76 6.91
N ARG A 494 25.02 1.12 7.85
CA ARG A 494 26.48 1.11 7.83
C ARG A 494 26.96 0.06 6.82
N VAL A 495 27.01 0.44 5.55
CA VAL A 495 27.42 -0.47 4.49
C VAL A 495 28.52 0.22 3.69
N ASN A 496 29.46 -0.53 3.14
CA ASN A 496 30.47 0.07 2.26
C ASN A 496 30.15 -0.35 0.83
N VAL A 497 30.07 0.60 -0.08
CA VAL A 497 29.82 0.25 -1.46
C VAL A 497 30.88 0.71 -2.48
N VAL A 498 31.44 -0.29 -3.15
CA VAL A 498 32.42 -0.12 -4.21
C VAL A 498 31.71 -0.45 -5.53
N ASN A 499 32.03 0.32 -6.57
CA ASN A 499 31.50 0.00 -7.86
C ASN A 499 32.50 0.21 -8.96
N GLY A 500 32.43 -0.62 -9.99
CA GLY A 500 33.16 -0.42 -11.23
C GLY A 500 32.14 -0.09 -12.28
N GLU A 501 32.47 -0.31 -13.54
CA GLU A 501 31.57 -0.01 -14.65
C GLU A 501 30.31 -0.87 -14.54
N ASN A 502 30.52 -2.17 -14.35
CA ASN A 502 29.49 -3.14 -14.56
C ASN A 502 29.34 -4.07 -13.34
N TRP A 503 29.67 -3.55 -12.16
CA TRP A 503 29.62 -4.33 -10.94
C TRP A 503 29.58 -3.46 -9.70
N LEU A 504 29.13 -4.09 -8.62
CA LEU A 504 28.91 -3.46 -7.36
C LEU A 504 29.32 -4.48 -6.32
N ILE A 505 30.03 -4.02 -5.30
CA ILE A 505 30.24 -4.83 -4.13
C ILE A 505 29.68 -4.06 -2.97
N ILE A 506 28.84 -4.74 -2.18
CA ILE A 506 28.26 -4.14 -1.01
C ILE A 506 28.60 -4.97 0.22
N LYS A 507 29.19 -4.31 1.21
CA LYS A 507 29.67 -4.96 2.41
C LYS A 507 29.00 -4.34 3.64
N GLY A 508 28.30 -5.18 4.41
CA GLY A 508 27.72 -4.80 5.71
C GLY A 508 28.54 -5.39 6.82
N ARG A 509 27.97 -5.38 8.02
CA ARG A 509 28.68 -5.80 9.24
C ARG A 509 29.10 -7.30 9.18
N GLU A 510 28.21 -8.14 8.64
CA GLU A 510 28.36 -9.58 8.70
C GLU A 510 28.52 -10.26 7.35
N TYR A 511 28.46 -9.49 6.26
CA TYR A 511 28.34 -10.05 4.93
C TYR A 511 28.91 -9.12 3.89
N PHE A 512 29.13 -9.68 2.71
CA PHE A 512 29.34 -8.88 1.51
C PHE A 512 28.73 -9.56 0.33
N SER A 513 28.26 -8.76 -0.61
CA SER A 513 27.66 -9.27 -1.81
C SER A 513 28.35 -8.74 -3.05
N LEU A 514 28.38 -9.60 -4.07
CA LEU A 514 28.87 -9.31 -5.37
C LEU A 514 27.69 -9.24 -6.29
N TYR A 515 27.57 -8.13 -7.00
CA TYR A 515 26.51 -7.92 -7.99
C TYR A 515 27.24 -7.65 -9.28
N VAL A 516 27.35 -8.67 -10.10
CA VAL A 516 28.12 -8.57 -11.33
C VAL A 516 27.19 -8.47 -12.53
N PHE A 517 27.04 -7.28 -13.10
CA PHE A 517 26.05 -7.02 -14.14
C PHE A 517 26.46 -7.55 -15.48
N SER A 518 27.76 -7.69 -15.61
CA SER A 518 28.36 -8.03 -16.86
C SER A 518 29.77 -8.54 -16.53
N LYS A 519 30.23 -9.57 -17.24
CA LYS A 519 31.50 -10.20 -16.96
C LYS A 519 32.57 -9.15 -16.67
N SER A 520 33.25 -9.30 -15.54
CA SER A 520 34.16 -8.29 -15.07
C SER A 520 35.29 -8.91 -14.27
N SER A 521 36.46 -8.30 -14.32
CA SER A 521 37.52 -8.61 -13.38
C SER A 521 37.38 -7.71 -12.18
N ILE A 522 37.32 -8.30 -11.00
CA ILE A 522 36.98 -7.52 -9.84
C ILE A 522 37.96 -7.78 -8.74
N GLU A 523 38.29 -6.72 -8.00
CA GLU A 523 39.16 -6.82 -6.86
C GLU A 523 38.30 -6.96 -5.62
N VAL A 524 38.38 -8.12 -4.97
CA VAL A 524 37.54 -8.44 -3.80
C VAL A 524 38.40 -8.26 -2.58
N LYS A 525 37.96 -7.38 -1.69
CA LYS A 525 38.77 -6.99 -0.55
C LYS A 525 38.46 -7.78 0.70
N TYR A 526 37.49 -8.71 0.60
CA TYR A 526 37.01 -9.47 1.77
C TYR A 526 37.12 -10.99 1.62
N SER A 527 37.13 -11.71 2.75
CA SER A 527 37.01 -13.19 2.80
C SER A 527 35.65 -13.62 3.29
N GLY A 528 35.22 -14.78 2.83
CA GLY A 528 34.01 -15.32 3.37
C GLY A 528 33.62 -16.64 2.77
N THR A 529 32.51 -17.15 3.27
CA THR A 529 32.01 -18.39 2.81
C THR A 529 30.64 -18.17 2.19
N LEU A 530 30.38 -18.91 1.11
CA LEU A 530 29.25 -18.62 0.26
C LEU A 530 27.92 -19.06 0.88
N LEU A 531 26.96 -18.17 0.86
CA LEU A 531 25.67 -18.41 1.47
C LEU A 531 24.67 -18.65 0.38
N LEU A 532 24.81 -17.95 -0.74
CA LEU A 532 23.83 -18.02 -1.81
C LEU A 532 24.41 -17.39 -3.04
N SER A 533 24.01 -17.90 -4.17
CA SER A 533 24.48 -17.36 -5.41
C SER A 533 23.39 -17.55 -6.44
N SER A 534 23.37 -16.76 -7.51
CA SER A 534 22.36 -16.88 -8.57
C SER A 534 22.69 -17.94 -9.63
N ASN A 535 23.95 -18.39 -9.65
CA ASN A 535 24.34 -19.53 -10.49
C ASN A 535 25.43 -20.30 -9.74
N ASN A 536 26.08 -21.28 -10.39
CA ASN A 536 27.05 -22.14 -9.73
C ASN A 536 28.51 -21.78 -9.99
N SER A 537 28.76 -20.58 -10.47
CA SER A 537 30.13 -20.21 -10.84
C SER A 537 30.93 -19.57 -9.69
N PHE A 538 30.32 -19.38 -8.54
CA PHE A 538 30.99 -18.64 -7.48
C PHE A 538 31.65 -19.62 -6.50
N PRO A 539 32.85 -19.29 -6.03
CA PRO A 539 33.49 -20.26 -5.12
C PRO A 539 32.79 -20.32 -3.77
N GLN A 540 32.79 -21.50 -3.18
CA GLN A 540 32.25 -21.75 -1.87
C GLN A 540 32.99 -20.94 -0.78
N HIS A 541 34.31 -20.80 -0.93
CA HIS A 541 35.12 -19.99 -0.04
C HIS A 541 35.92 -19.02 -0.88
N ILE A 542 35.91 -17.74 -0.53
CA ILE A 542 36.67 -16.78 -1.29
C ILE A 542 37.58 -15.97 -0.39
N GLU A 543 38.71 -15.59 -0.93
CA GLU A 543 39.68 -14.80 -0.22
C GLU A 543 39.93 -13.50 -0.99
N GLU A 544 40.52 -12.54 -0.31
CA GLU A 544 40.98 -11.29 -0.88
C GLU A 544 41.78 -11.53 -2.16
N GLY A 545 41.35 -10.92 -3.26
CA GLY A 545 42.15 -10.94 -4.49
C GLY A 545 41.33 -10.52 -5.69
N LYS A 546 41.87 -10.74 -6.89
CA LYS A 546 41.25 -10.30 -8.13
C LYS A 546 40.62 -11.49 -8.86
N TYR A 547 39.37 -11.38 -9.27
CA TYR A 547 38.68 -12.50 -9.88
C TYR A 547 37.96 -12.06 -11.15
N GLU A 548 37.89 -12.93 -12.15
CA GLU A 548 37.08 -12.61 -13.31
C GLU A 548 35.76 -13.31 -13.17
N PHE A 549 34.70 -12.55 -12.90
CA PHE A 549 33.36 -13.15 -12.70
C PHE A 549 32.43 -13.01 -13.90
N ASP A 550 31.61 -14.04 -14.13
CA ASP A 550 30.53 -13.95 -15.10
C ASP A 550 29.33 -13.18 -14.45
N LYS A 551 28.37 -12.74 -15.26
CA LYS A 551 27.17 -12.08 -14.77
C LYS A 551 26.54 -12.95 -13.67
N GLY A 552 26.25 -12.34 -12.54
CA GLY A 552 25.54 -13.04 -11.47
C GLY A 552 25.67 -12.33 -10.12
N PHE A 553 25.21 -13.00 -9.07
CA PHE A 553 25.20 -12.45 -7.75
C PHE A 553 25.69 -13.50 -6.78
N ALA A 554 26.42 -13.11 -5.74
CA ALA A 554 26.85 -14.03 -4.70
C ALA A 554 26.83 -13.34 -3.33
N LEU A 555 26.40 -14.05 -2.32
CA LEU A 555 26.36 -13.53 -0.95
C LEU A 555 27.37 -14.32 -0.12
N TYR A 556 28.29 -13.60 0.51
CA TYR A 556 29.30 -14.22 1.35
C TYR A 556 29.19 -13.86 2.83
N LYS A 557 29.26 -14.91 3.66
CA LYS A 557 29.78 -14.91 5.05
C LYS A 557 28.86 -15.53 6.15
#